data_6Y4V
#
_entry.id   6Y4V
#
_cell.length_a   65.779
_cell.length_b   74.880
_cell.length_c   77.690
_cell.angle_alpha   90.000
_cell.angle_beta   90.000
_cell.angle_gamma   90.000
#
_symmetry.space_group_name_H-M   'P 21 21 21'
#
loop_
_entity.id
_entity.type
_entity.pdbx_description
1 polymer 'Mitogen-activated protein kinase 14'
2 non-polymer 5-azanyl-~{N}-[[4-[[(2~{S})-4-cyclohexyl-1-(3-methylbutylamino)-1-oxidanylidene-butan-2-yl]carbamoyl]phenyl]methyl]-1-phenyl-pyrazole-4-carboxamide
3 non-polymer 1,2-ETHANEDIOL
4 water water
#
_entity_poly.entity_id   1
_entity_poly.type   'polypeptide(L)'
_entity_poly.pdbx_seq_one_letter_code
;GMSQERPTFYRQELNKTIWEVPERYQNLSPVGSGAYGSVCAAFDTKTGHRVAVKKLSRPFQSIIHAKRTYRELRLLKHMK
HENVIGLLDVFTPARSLEEFNDVYLVTHLMGADLNNIVKCQKLTDDHVQFLIYQILRGLKYIHSADIIHRDLKPSNLAVN
EDCELKILDFGLARHTDDEMTGYVATRWYRAPEIMLNWMHYNQTVDIWSVGCIMAELLTGRTLFPGTDHIDQLKLILRLV
GTPGAELLKKISSESARNYIQSLAQMPKMNFANVFIGANPLAVDLLEKMLVLDSDKRITAAQALAHAYFAQYHDPDDEPV
ADPYDQSFESRDLLIDEWKSLTYDEVISFVPPPLDQEEMES
;
_entity_poly.pdbx_strand_id   A
#
loop_
_chem_comp.id
_chem_comp.type
_chem_comp.name
_chem_comp.formula
EDO non-polymer 1,2-ETHANEDIOL 'C2 H6 O2'
O8Z non-polymer 5-azanyl-~{N}-[[4-[[(2~{S})-4-cyclohexyl-1-(3-methylbutylamino)-1-oxidanylidene-butan-2-yl]carbamoyl]phenyl]methyl]-1-phenyl-pyrazole-4-carboxamide 'C33 H44 N6 O3'
#
# COMPACT_ATOMS: atom_id res chain seq x y z
N ARG A 6 7.84 -31.98 -7.53
CA ARG A 6 8.18 -30.79 -8.35
C ARG A 6 7.39 -30.82 -9.64
N PRO A 7 6.80 -29.69 -10.03
CA PRO A 7 6.07 -29.70 -11.28
C PRO A 7 7.01 -29.53 -12.46
N THR A 8 6.46 -29.61 -13.66
CA THR A 8 7.28 -29.52 -14.87
C THR A 8 7.29 -28.09 -15.36
N PHE A 9 8.46 -27.61 -15.70
CA PHE A 9 8.68 -26.18 -16.00
C PHE A 9 8.94 -26.02 -17.46
N TYR A 10 8.41 -24.95 -18.03
CA TYR A 10 8.75 -24.63 -19.40
C TYR A 10 9.39 -23.28 -19.47
N ARG A 11 10.15 -23.08 -20.53
CA ARG A 11 10.98 -21.90 -20.68
C ARG A 11 10.57 -21.08 -21.89
N GLN A 12 10.62 -19.75 -21.72
CA GLN A 12 10.41 -18.83 -22.84
C GLN A 12 11.07 -17.46 -22.58
N GLU A 13 11.02 -16.60 -23.58
CA GLU A 13 11.61 -15.26 -23.50
C GLU A 13 10.55 -14.22 -23.81
N LEU A 14 10.56 -13.14 -23.02
CA LEU A 14 9.56 -12.07 -23.11
C LEU A 14 10.22 -10.72 -22.82
N ASN A 15 10.12 -9.79 -23.78
CA ASN A 15 10.53 -8.38 -23.58
C ASN A 15 11.84 -8.20 -22.79
N LYS A 16 12.89 -8.89 -23.25
CA LYS A 16 14.26 -8.76 -22.73
C LYS A 16 14.60 -9.67 -21.53
N THR A 17 13.85 -10.77 -21.33
CA THR A 17 13.95 -11.57 -20.09
C THR A 17 13.52 -13.02 -20.24
N ILE A 18 14.19 -13.93 -19.55
CA ILE A 18 13.89 -15.38 -19.60
C ILE A 18 12.93 -15.80 -18.42
N TRP A 19 11.74 -16.28 -18.77
CA TRP A 19 10.74 -16.76 -17.80
C TRP A 19 10.73 -18.27 -17.84
N GLU A 20 10.97 -18.87 -16.70
CA GLU A 20 10.88 -20.31 -16.56
C GLU A 20 9.88 -20.58 -15.46
N VAL A 21 8.72 -21.10 -15.86
CA VAL A 21 7.55 -21.29 -14.99
C VAL A 21 6.92 -22.65 -15.19
N PRO A 22 6.20 -23.14 -14.16
CA PRO A 22 5.39 -24.35 -14.23
C PRO A 22 4.34 -24.34 -15.31
N GLU A 23 4.14 -25.53 -15.91
CA GLU A 23 3.17 -25.70 -16.98
C GLU A 23 1.78 -25.32 -16.55
N ARG A 24 1.48 -25.52 -15.27
CA ARG A 24 0.32 -24.90 -14.62
C ARG A 24 -0.07 -23.52 -15.20
N TYR A 25 0.93 -22.63 -15.39
CA TYR A 25 0.72 -21.23 -15.87
C TYR A 25 0.95 -21.10 -17.38
N GLN A 26 -0.09 -20.67 -18.10
CA GLN A 26 -0.08 -20.65 -19.57
C GLN A 26 -0.37 -19.27 -20.14
N ASN A 27 -0.01 -19.06 -21.41
CA ASN A 27 -0.29 -17.81 -22.13
C ASN A 27 0.19 -16.55 -21.41
N LEU A 28 1.47 -16.52 -21.08
CA LEU A 28 2.06 -15.36 -20.40
C LEU A 28 2.07 -14.12 -21.30
N SER A 29 1.62 -12.96 -20.81
CA SER A 29 1.80 -11.74 -21.61
C SER A 29 2.10 -10.59 -20.69
N PRO A 30 3.19 -9.83 -20.97
CA PRO A 30 3.60 -8.72 -20.10
C PRO A 30 2.47 -7.75 -19.88
N VAL A 31 2.42 -7.15 -18.69
CA VAL A 31 1.44 -6.12 -18.39
C VAL A 31 2.12 -4.85 -17.86
N GLY A 32 1.50 -3.70 -18.08
CA GLY A 32 2.00 -2.42 -17.57
C GLY A 32 3.26 -1.80 -18.19
N SER A 33 3.82 -2.41 -19.23
CA SER A 33 5.05 -1.91 -19.89
C SER A 33 6.22 -1.63 -18.91
N GLY A 34 6.31 -2.43 -17.85
CA GLY A 34 7.34 -2.22 -16.81
C GLY A 34 6.80 -1.59 -15.54
N ALA A 35 5.74 -0.78 -15.66
CA ALA A 35 5.15 -0.06 -14.53
C ALA A 35 5.04 -0.82 -13.20
N TYR A 36 4.85 -2.14 -13.26
CA TYR A 36 4.57 -2.94 -12.07
C TYR A 36 5.75 -3.79 -11.64
N GLY A 37 6.85 -3.67 -12.39
CA GLY A 37 7.92 -4.62 -12.37
C GLY A 37 7.93 -5.45 -13.64
N SER A 38 8.59 -6.60 -13.57
CA SER A 38 8.53 -7.64 -14.59
C SER A 38 7.34 -8.57 -14.24
N VAL A 39 6.17 -8.30 -14.83
CA VAL A 39 4.93 -8.95 -14.43
C VAL A 39 4.18 -9.44 -15.68
N CYS A 40 3.77 -10.70 -15.69
CA CYS A 40 2.90 -11.24 -16.79
C CYS A 40 1.54 -11.61 -16.28
N ALA A 41 0.50 -11.29 -17.05
CA ALA A 41 -0.77 -11.97 -16.91
C ALA A 41 -0.58 -13.40 -17.46
N ALA A 42 -1.18 -14.37 -16.81
CA ALA A 42 -1.16 -15.74 -17.24
C ALA A 42 -2.49 -16.38 -16.93
N PHE A 43 -2.73 -17.51 -17.57
CA PHE A 43 -3.89 -18.32 -17.24
C PHE A 43 -3.39 -19.45 -16.35
N ASP A 44 -4.05 -19.65 -15.21
CA ASP A 44 -3.70 -20.70 -14.26
C ASP A 44 -4.63 -21.91 -14.51
N THR A 45 -4.05 -22.99 -15.01
CA THR A 45 -4.83 -24.15 -15.40
C THR A 45 -5.44 -24.89 -14.22
N LYS A 46 -4.83 -24.80 -13.03
CA LYS A 46 -5.39 -25.43 -11.84
C LYS A 46 -6.76 -24.84 -11.45
N THR A 47 -6.92 -23.54 -11.64
CA THR A 47 -8.12 -22.86 -11.21
C THR A 47 -9.02 -22.40 -12.36
N GLY A 48 -8.49 -22.28 -13.57
CA GLY A 48 -9.25 -21.63 -14.64
C GLY A 48 -9.36 -20.11 -14.52
N HIS A 49 -8.50 -19.48 -13.72
CA HIS A 49 -8.49 -18.02 -13.49
C HIS A 49 -7.26 -17.37 -14.11
N ARG A 50 -7.42 -16.10 -14.44
CA ARG A 50 -6.30 -15.23 -14.80
C ARG A 50 -5.51 -14.93 -13.52
N VAL A 51 -4.18 -14.92 -13.61
CA VAL A 51 -3.36 -14.53 -12.45
C VAL A 51 -2.28 -13.59 -12.92
N ALA A 52 -1.58 -12.98 -11.96
CA ALA A 52 -0.39 -12.23 -12.29
C ALA A 52 0.84 -12.92 -11.75
N VAL A 53 1.89 -12.99 -12.55
CA VAL A 53 3.15 -13.67 -12.17
C VAL A 53 4.29 -12.62 -12.22
N LYS A 54 4.88 -12.34 -11.06
CA LYS A 54 5.96 -11.37 -10.98
C LYS A 54 7.27 -12.12 -10.86
N LYS A 55 8.20 -11.83 -11.74
CA LYS A 55 9.62 -12.28 -11.60
C LYS A 55 10.46 -11.20 -10.91
N LEU A 56 10.98 -11.53 -9.74
CA LEU A 56 11.80 -10.55 -9.02
C LEU A 56 13.05 -10.22 -9.85
N SER A 57 13.41 -8.94 -9.83
CA SER A 57 14.60 -8.42 -10.52
C SER A 57 15.82 -8.53 -9.58
N ARG A 58 16.79 -9.35 -9.96
CA ARG A 58 18.10 -9.48 -9.26
C ARG A 58 17.94 -9.58 -7.75
N PRO A 59 17.15 -10.57 -7.35
CA PRO A 59 16.70 -10.63 -5.98
C PRO A 59 17.80 -10.76 -4.94
N PHE A 60 18.97 -11.30 -5.31
CA PHE A 60 20.06 -11.55 -4.37
C PHE A 60 21.39 -10.88 -4.78
N GLN A 61 21.27 -9.74 -5.46
CA GLN A 61 22.41 -8.96 -6.00
C GLN A 61 23.30 -8.37 -4.90
N SER A 62 22.70 -7.97 -3.80
CA SER A 62 23.35 -7.39 -2.67
C SER A 62 22.66 -7.82 -1.39
N ILE A 63 23.26 -7.48 -0.24
CA ILE A 63 22.58 -7.72 1.05
C ILE A 63 21.24 -6.99 1.08
N ILE A 64 21.23 -5.75 0.62
CA ILE A 64 19.99 -4.97 0.60
C ILE A 64 18.85 -5.55 -0.28
N HIS A 65 19.20 -6.01 -1.49
CA HIS A 65 18.23 -6.66 -2.36
C HIS A 65 17.76 -7.96 -1.74
N ALA A 66 18.71 -8.69 -1.11
CA ALA A 66 18.35 -9.99 -0.58
C ALA A 66 17.35 -9.85 0.60
N LYS A 67 17.58 -8.87 1.48
CA LYS A 67 16.71 -8.64 2.57
C LYS A 67 15.35 -8.11 2.08
N ARG A 68 15.35 -7.26 1.05
CA ARG A 68 14.12 -6.80 0.46
C ARG A 68 13.29 -7.95 -0.12
N THR A 69 13.97 -8.87 -0.80
CA THR A 69 13.33 -10.06 -1.29
C THR A 69 12.67 -10.89 -0.21
N TYR A 70 13.42 -11.14 0.86
CA TYR A 70 12.91 -11.89 2.01
C TYR A 70 11.72 -11.15 2.56
N ARG A 71 11.85 -9.84 2.78
CA ARG A 71 10.81 -9.05 3.37
C ARG A 71 9.50 -9.13 2.59
N GLU A 72 9.61 -8.98 1.28
CA GLU A 72 8.40 -9.03 0.41
C GLU A 72 7.72 -10.38 0.45
N LEU A 73 8.53 -11.45 0.40
CA LEU A 73 7.97 -12.76 0.58
C LEU A 73 7.29 -13.02 1.94
N ARG A 74 7.97 -12.62 3.02
CA ARG A 74 7.37 -12.74 4.33
C ARG A 74 6.03 -12.02 4.41
N LEU A 75 6.00 -10.78 3.93
CA LEU A 75 4.79 -9.93 4.01
C LEU A 75 3.69 -10.57 3.17
N LEU A 76 4.01 -10.99 1.93
CA LEU A 76 3.00 -11.61 1.10
C LEU A 76 2.44 -12.92 1.67
N LYS A 77 3.31 -13.78 2.24
CA LYS A 77 2.88 -15.00 2.87
C LYS A 77 1.98 -14.75 4.08
N HIS A 78 2.14 -13.61 4.72
CA HIS A 78 1.31 -13.28 5.87
C HIS A 78 -0.12 -12.89 5.48
N MET A 79 -0.28 -12.17 4.36
CA MET A 79 -1.54 -11.40 4.14
C MET A 79 -2.64 -12.31 3.74
N LYS A 80 -3.63 -12.41 4.63
CA LYS A 80 -4.85 -13.20 4.36
C LYS A 80 -6.09 -12.43 4.68
N HIS A 81 -6.47 -11.56 3.75
CA HIS A 81 -7.64 -10.70 3.98
C HIS A 81 -8.12 -10.21 2.64
N GLU A 82 -9.43 -10.02 2.58
CA GLU A 82 -10.14 -9.68 1.33
C GLU A 82 -9.65 -8.41 0.65
N ASN A 83 -9.21 -7.44 1.45
CA ASN A 83 -8.80 -6.15 0.95
C ASN A 83 -7.30 -5.92 0.92
N VAL A 84 -6.51 -7.02 0.99
CA VAL A 84 -5.08 -6.97 0.90
C VAL A 84 -4.60 -8.03 -0.14
N ILE A 85 -3.65 -7.63 -0.98
CA ILE A 85 -3.09 -8.60 -1.97
C ILE A 85 -2.66 -9.80 -1.19
N GLY A 86 -2.87 -10.97 -1.78
CA GLY A 86 -2.38 -12.21 -1.16
C GLY A 86 -1.51 -13.04 -2.14
N LEU A 87 -0.88 -14.04 -1.57
CA LEU A 87 0.00 -14.92 -2.30
C LEU A 87 -0.69 -16.24 -2.71
N LEU A 88 -0.87 -16.38 -4.00
CA LEU A 88 -1.45 -17.64 -4.56
C LEU A 88 -0.40 -18.70 -4.72
N ASP A 89 0.79 -18.32 -5.09
CA ASP A 89 1.89 -19.29 -5.30
C ASP A 89 3.23 -18.55 -5.27
N VAL A 90 4.29 -19.26 -4.96
CA VAL A 90 5.63 -18.73 -5.10
C VAL A 90 6.49 -19.94 -5.53
N PHE A 91 7.33 -19.74 -6.50
CA PHE A 91 8.14 -20.85 -7.01
C PHE A 91 9.47 -20.39 -7.52
N THR A 92 10.41 -21.34 -7.67
CA THR A 92 11.66 -21.10 -8.38
C THR A 92 11.92 -22.34 -9.23
N PRO A 93 12.45 -22.15 -10.44
CA PRO A 93 12.90 -23.37 -11.19
C PRO A 93 14.07 -24.12 -10.58
N ALA A 94 14.75 -23.53 -9.60
CA ALA A 94 15.87 -24.16 -8.91
C ALA A 94 15.48 -25.37 -8.13
N ARG A 95 16.35 -26.41 -8.18
CA ARG A 95 16.12 -27.68 -7.49
C ARG A 95 16.80 -27.76 -6.13
N SER A 96 17.74 -26.86 -5.86
CA SER A 96 18.51 -26.85 -4.62
C SER A 96 18.80 -25.42 -4.23
N LEU A 97 19.14 -25.18 -2.96
CA LEU A 97 19.63 -23.88 -2.49
C LEU A 97 20.81 -23.38 -3.28
N GLU A 98 21.67 -24.34 -3.69
CA GLU A 98 22.89 -24.02 -4.37
C GLU A 98 22.59 -23.34 -5.70
N GLU A 99 21.56 -23.82 -6.37
CA GLU A 99 21.14 -23.33 -7.67
C GLU A 99 20.10 -22.18 -7.57
N PHE A 100 19.69 -21.85 -6.36
CA PHE A 100 18.56 -20.89 -6.18
C PHE A 100 18.94 -19.50 -6.60
N ASN A 101 18.36 -18.98 -7.69
CA ASN A 101 18.65 -17.57 -8.07
C ASN A 101 17.49 -16.68 -8.63
N ASP A 102 16.32 -17.26 -8.78
CA ASP A 102 15.15 -16.57 -9.35
C ASP A 102 13.98 -16.83 -8.42
N VAL A 103 13.08 -15.83 -8.27
CA VAL A 103 11.94 -15.98 -7.38
C VAL A 103 10.76 -15.44 -8.14
N TYR A 104 9.72 -16.24 -8.29
CA TYR A 104 8.50 -15.80 -8.95
C TYR A 104 7.34 -15.81 -7.97
N LEU A 105 6.54 -14.74 -7.98
CA LEU A 105 5.36 -14.59 -7.15
C LEU A 105 4.08 -14.55 -7.99
N VAL A 106 3.05 -15.24 -7.53
CA VAL A 106 1.75 -15.32 -8.21
C VAL A 106 0.69 -14.75 -7.29
N THR A 107 -0.05 -13.80 -7.84
CA THR A 107 -1.18 -13.20 -7.15
C THR A 107 -2.39 -13.18 -8.08
N HIS A 108 -3.54 -12.79 -7.53
CA HIS A 108 -4.65 -12.45 -8.42
C HIS A 108 -4.23 -11.35 -9.37
N LEU A 109 -4.82 -11.36 -10.55
CA LEU A 109 -4.68 -10.30 -11.52
C LEU A 109 -5.81 -9.29 -11.19
N MET A 110 -5.45 -8.07 -10.85
CA MET A 110 -6.47 -7.01 -10.53
C MET A 110 -6.87 -6.23 -11.80
N GLY A 111 -7.97 -5.47 -11.75
CA GLY A 111 -8.57 -4.88 -12.99
C GLY A 111 -7.97 -3.56 -13.43
N ALA A 112 -7.86 -2.63 -12.47
CA ALA A 112 -7.37 -1.28 -12.74
C ALA A 112 -6.93 -0.67 -11.40
N ASP A 113 -6.04 0.31 -11.39
CA ASP A 113 -5.77 1.06 -10.16
C ASP A 113 -6.69 2.27 -9.99
N LEU A 114 -6.65 2.84 -8.82
CA LEU A 114 -7.46 3.98 -8.52
C LEU A 114 -6.94 5.23 -9.23
N ASN A 115 -5.66 5.30 -9.57
CA ASN A 115 -5.13 6.46 -10.28
C ASN A 115 -5.84 6.51 -11.61
N ASN A 116 -5.82 5.39 -12.34
CA ASN A 116 -6.58 5.19 -13.61
C ASN A 116 -8.06 5.48 -13.46
N ILE A 117 -8.66 5.03 -12.36
CA ILE A 117 -10.11 5.25 -12.15
C ILE A 117 -10.49 6.72 -11.83
N VAL A 118 -9.72 7.43 -10.99
CA VAL A 118 -10.02 8.88 -10.71
C VAL A 118 -9.70 9.77 -11.93
N LYS A 119 -8.56 9.51 -12.60
CA LYS A 119 -8.25 10.20 -13.86
C LYS A 119 -9.39 10.07 -14.92
N CYS A 120 -10.09 8.93 -14.91
CA CYS A 120 -11.25 8.66 -15.80
C CYS A 120 -12.55 9.35 -15.45
N GLN A 121 -12.92 9.34 -14.17
CA GLN A 121 -14.16 10.00 -13.70
C GLN A 121 -14.05 10.36 -12.24
N LYS A 122 -14.70 11.45 -11.84
CA LYS A 122 -14.96 11.71 -10.42
C LYS A 122 -16.08 10.75 -9.98
N LEU A 123 -15.91 10.18 -8.79
CA LEU A 123 -16.74 9.09 -8.32
C LEU A 123 -18.01 9.56 -7.65
N THR A 124 -19.00 8.69 -7.54
CA THR A 124 -20.19 9.00 -6.71
C THR A 124 -19.90 8.89 -5.20
N ASP A 125 -20.70 9.56 -4.38
CA ASP A 125 -20.50 9.47 -2.94
C ASP A 125 -20.63 8.02 -2.48
N ASP A 126 -21.60 7.27 -3.04
CA ASP A 126 -21.67 5.82 -2.74
C ASP A 126 -20.41 5.04 -3.09
N HIS A 127 -19.82 5.27 -4.27
CA HIS A 127 -18.59 4.61 -4.60
C HIS A 127 -17.48 5.05 -3.69
N VAL A 128 -17.45 6.33 -3.30
CA VAL A 128 -16.40 6.77 -2.35
C VAL A 128 -16.55 6.05 -1.02
N GLN A 129 -17.75 5.96 -0.50
CA GLN A 129 -18.00 5.24 0.78
C GLN A 129 -17.44 3.85 0.70
N PHE A 130 -17.78 3.15 -0.37
CA PHE A 130 -17.45 1.77 -0.44
C PHE A 130 -15.93 1.55 -0.64
N LEU A 131 -15.31 2.38 -1.45
CA LEU A 131 -13.85 2.22 -1.68
C LEU A 131 -13.07 2.58 -0.44
N ILE A 132 -13.43 3.68 0.21
CA ILE A 132 -12.69 4.07 1.43
C ILE A 132 -12.94 3.08 2.57
N TYR A 133 -14.15 2.53 2.67
CA TYR A 133 -14.44 1.52 3.68
C TYR A 133 -13.49 0.32 3.52
N GLN A 134 -13.33 -0.16 2.29
CA GLN A 134 -12.46 -1.27 2.00
C GLN A 134 -10.98 -1.04 2.32
N ILE A 135 -10.51 0.16 2.04
CA ILE A 135 -9.15 0.56 2.36
C ILE A 135 -8.97 0.46 3.85
N LEU A 136 -9.90 1.07 4.57
CA LEU A 136 -9.80 1.09 6.05
C LEU A 136 -9.91 -0.32 6.65
N ARG A 137 -10.74 -1.17 6.06
CA ARG A 137 -10.89 -2.52 6.56
C ARG A 137 -9.57 -3.29 6.36
N GLY A 138 -8.95 -3.16 5.18
CA GLY A 138 -7.59 -3.75 4.97
C GLY A 138 -6.55 -3.15 5.87
N LEU A 139 -6.62 -1.84 6.11
CA LEU A 139 -5.65 -1.22 7.02
C LEU A 139 -5.83 -1.64 8.49
N LYS A 140 -7.08 -1.86 8.92
CA LYS A 140 -7.29 -2.36 10.31
C LYS A 140 -6.50 -3.67 10.46
N TYR A 141 -6.65 -4.53 9.47
CA TYR A 141 -5.93 -5.80 9.41
C TYR A 141 -4.41 -5.64 9.39
N ILE A 142 -3.87 -4.84 8.46
CA ILE A 142 -2.43 -4.68 8.40
C ILE A 142 -1.87 -4.07 9.69
N HIS A 143 -2.55 -3.05 10.14
CA HIS A 143 -2.11 -2.35 11.34
C HIS A 143 -2.16 -3.24 12.58
N SER A 144 -3.11 -4.16 12.61
CA SER A 144 -3.19 -5.08 13.77
C SER A 144 -2.00 -6.01 13.88
N ALA A 145 -1.27 -6.17 12.79
CA ALA A 145 -0.03 -6.94 12.79
C ALA A 145 1.21 -6.09 12.99
N ASP A 146 1.02 -4.85 13.39
CA ASP A 146 2.09 -3.88 13.46
C ASP A 146 2.89 -3.69 12.15
N ILE A 147 2.18 -3.72 11.02
CA ILE A 147 2.71 -3.47 9.73
C ILE A 147 2.20 -2.11 9.31
N ILE A 148 3.10 -1.24 8.83
CA ILE A 148 2.69 0.09 8.31
C ILE A 148 2.95 0.06 6.82
N HIS A 149 1.99 0.52 6.05
CA HIS A 149 2.16 0.49 4.61
C HIS A 149 3.22 1.49 4.18
N ARG A 150 2.97 2.74 4.52
CA ARG A 150 3.86 3.90 4.29
C ARG A 150 3.87 4.51 2.92
N ASP A 151 3.30 3.84 1.99
CA ASP A 151 3.35 4.26 0.58
C ASP A 151 1.99 4.30 -0.06
N LEU A 152 0.95 4.57 0.73
CA LEU A 152 -0.35 4.56 0.18
C LEU A 152 -0.62 5.73 -0.80
N LYS A 153 -1.17 5.37 -1.92
CA LYS A 153 -1.49 6.32 -2.97
C LYS A 153 -2.37 5.62 -3.95
N PRO A 154 -3.06 6.36 -4.82
CA PRO A 154 -4.06 5.69 -5.61
C PRO A 154 -3.52 4.60 -6.58
N SER A 155 -2.31 4.75 -7.05
CA SER A 155 -1.71 3.65 -7.88
C SER A 155 -1.34 2.36 -7.10
N ASN A 156 -1.33 2.40 -5.78
CA ASN A 156 -1.14 1.17 -4.94
C ASN A 156 -2.48 0.53 -4.46
N LEU A 157 -3.58 0.93 -5.06
CA LEU A 157 -4.88 0.34 -4.77
C LEU A 157 -5.45 -0.16 -6.08
N ALA A 158 -5.91 -1.39 -6.05
CA ALA A 158 -6.43 -2.02 -7.26
C ALA A 158 -7.88 -2.40 -7.01
N VAL A 159 -8.71 -2.24 -8.04
CA VAL A 159 -10.12 -2.38 -7.95
C VAL A 159 -10.50 -3.21 -9.19
N ASN A 160 -11.45 -4.11 -9.00
CA ASN A 160 -12.06 -4.90 -10.10
CA ASN A 160 -12.02 -4.84 -10.15
C ASN A 160 -13.34 -4.23 -10.55
N GLU A 161 -14.00 -4.81 -11.59
CA GLU A 161 -15.27 -4.26 -12.05
C GLU A 161 -16.39 -4.26 -11.00
N ASP A 162 -16.33 -5.18 -10.06
CA ASP A 162 -17.33 -5.26 -8.98
CA ASP A 162 -17.30 -5.30 -8.97
C ASP A 162 -16.98 -4.30 -7.84
N CYS A 163 -15.93 -3.49 -8.04
CA CYS A 163 -15.51 -2.47 -7.08
C CYS A 163 -14.89 -3.07 -5.84
N GLU A 164 -14.52 -4.32 -5.86
CA GLU A 164 -13.77 -4.88 -4.74
C GLU A 164 -12.33 -4.35 -4.87
N LEU A 165 -11.79 -3.93 -3.73
CA LEU A 165 -10.51 -3.25 -3.69
C LEU A 165 -9.52 -4.09 -2.92
N LYS A 166 -8.25 -4.04 -3.36
CA LYS A 166 -7.16 -4.58 -2.58
C LYS A 166 -5.99 -3.55 -2.48
N ILE A 167 -5.36 -3.55 -1.32
CA ILE A 167 -4.21 -2.78 -1.04
C ILE A 167 -2.99 -3.60 -1.49
N LEU A 168 -2.10 -2.95 -2.21
CA LEU A 168 -0.80 -3.50 -2.57
C LEU A 168 0.30 -2.50 -2.49
N ASP A 169 1.51 -2.90 -2.86
CA ASP A 169 2.61 -1.94 -2.98
C ASP A 169 3.47 -2.35 -4.16
N PHE A 170 3.34 -1.61 -5.22
CA PHE A 170 4.06 -1.97 -6.47
C PHE A 170 5.49 -1.56 -6.46
N GLY A 171 5.87 -0.65 -5.59
CA GLY A 171 7.27 -0.26 -5.48
C GLY A 171 7.71 0.71 -6.58
N LEU A 172 8.99 0.67 -6.95
CA LEU A 172 9.60 1.71 -7.82
C LEU A 172 9.16 1.63 -9.30
N ALA A 173 9.80 2.43 -10.16
CA ALA A 173 9.61 2.33 -11.62
C ALA A 173 10.98 2.32 -12.35
N ARG A 174 11.24 1.26 -13.12
CA ARG A 174 12.56 0.97 -13.76
C ARG A 174 13.40 2.19 -14.12
N TYR A 183 2.71 10.33 -13.82
CA TYR A 183 3.26 9.70 -12.63
C TYR A 183 2.70 10.34 -11.35
N VAL A 184 2.38 9.48 -10.38
CA VAL A 184 1.83 9.89 -9.09
C VAL A 184 2.88 9.85 -7.97
N ALA A 185 3.20 11.04 -7.42
CA ALA A 185 4.22 11.15 -6.39
C ALA A 185 3.73 10.71 -5.02
N THR A 186 4.41 9.74 -4.44
CA THR A 186 4.14 9.29 -3.08
C THR A 186 4.02 10.45 -2.04
N ARG A 187 4.89 11.44 -2.24
CA ARG A 187 4.95 12.64 -1.42
C ARG A 187 3.60 13.35 -1.27
N TRP A 188 2.81 13.36 -2.33
CA TRP A 188 1.52 14.02 -2.28
C TRP A 188 0.58 13.47 -1.21
N TYR A 189 0.78 12.19 -0.84
CA TYR A 189 -0.08 11.46 0.09
C TYR A 189 0.60 11.17 1.43
N ARG A 190 1.82 11.67 1.63
CA ARG A 190 2.60 11.38 2.83
C ARG A 190 2.29 12.30 4.03
N ALA A 191 2.18 11.70 5.21
CA ALA A 191 1.93 12.44 6.47
C ALA A 191 3.04 13.46 6.75
N PRO A 192 2.63 14.64 7.18
CA PRO A 192 3.60 15.71 7.45
C PRO A 192 4.73 15.24 8.41
N GLU A 193 4.41 14.47 9.47
CA GLU A 193 5.42 14.02 10.47
C GLU A 193 6.53 13.18 9.93
N ILE A 194 6.28 12.45 8.85
CA ILE A 194 7.35 11.71 8.15
C ILE A 194 7.67 12.40 6.83
N MET A 195 7.57 13.73 6.83
CA MET A 195 7.95 14.54 5.69
C MET A 195 9.30 15.16 5.96
N LEU A 196 9.61 15.53 7.21
CA LEU A 196 10.98 15.98 7.57
C LEU A 196 11.71 15.00 8.49
N ASN A 197 11.28 14.93 9.75
CA ASN A 197 11.82 13.94 10.74
C ASN A 197 11.17 12.58 10.44
N TRP A 198 11.80 11.48 10.86
CA TRP A 198 11.17 10.13 10.72
C TRP A 198 11.24 9.27 12.01
N MET A 199 11.34 9.94 13.17
CA MET A 199 11.33 9.28 14.49
C MET A 199 9.89 9.12 15.02
N HIS A 200 9.22 10.25 15.28
CA HIS A 200 7.91 10.25 15.95
C HIS A 200 6.71 10.03 14.99
N TYR A 201 6.49 8.76 14.63
CA TYR A 201 5.33 8.41 13.79
C TYR A 201 4.77 7.03 14.13
N ASN A 202 3.48 6.87 13.85
CA ASN A 202 2.78 5.64 14.15
C ASN A 202 2.11 5.13 12.90
N GLN A 203 1.23 4.15 13.08
CA GLN A 203 0.44 3.60 11.98
CA GLN A 203 0.45 3.59 11.98
C GLN A 203 -0.47 4.63 11.34
N THR A 204 -0.85 5.71 12.07
CA THR A 204 -1.78 6.66 11.44
C THR A 204 -1.12 7.52 10.36
N VAL A 205 0.20 7.36 10.05
CA VAL A 205 0.71 7.89 8.78
C VAL A 205 -0.14 7.40 7.61
N ASP A 206 -0.62 6.18 7.73
CA ASP A 206 -1.45 5.60 6.63
C ASP A 206 -2.81 6.21 6.55
N ILE A 207 -3.38 6.62 7.70
CA ILE A 207 -4.65 7.28 7.75
C ILE A 207 -4.62 8.67 7.10
N TRP A 208 -3.50 9.40 7.30
CA TRP A 208 -3.26 10.63 6.55
C TRP A 208 -3.37 10.40 5.02
N SER A 209 -2.73 9.32 4.54
CA SER A 209 -2.76 9.00 3.10
C SER A 209 -4.21 8.67 2.66
N VAL A 210 -4.96 7.94 3.49
CA VAL A 210 -6.35 7.63 3.15
C VAL A 210 -7.18 8.95 3.05
N GLY A 211 -6.95 9.91 3.96
CA GLY A 211 -7.62 11.21 3.85
C GLY A 211 -7.29 11.92 2.52
N CYS A 212 -6.02 11.90 2.10
CA CYS A 212 -5.62 12.53 0.83
C CYS A 212 -6.27 11.83 -0.36
N ILE A 213 -6.33 10.50 -0.29
CA ILE A 213 -6.96 9.70 -1.36
C ILE A 213 -8.44 9.98 -1.44
N MET A 214 -9.10 9.96 -0.29
CA MET A 214 -10.56 10.20 -0.22
C MET A 214 -10.91 11.63 -0.77
N ALA A 215 -10.14 12.62 -0.34
CA ALA A 215 -10.31 14.00 -0.88
C ALA A 215 -10.30 13.97 -2.42
N GLU A 216 -9.30 13.31 -3.00
CA GLU A 216 -9.13 13.32 -4.45
C GLU A 216 -10.27 12.56 -5.17
N LEU A 217 -10.73 11.47 -4.56
CA LEU A 217 -11.94 10.76 -5.06
C LEU A 217 -13.18 11.59 -5.06
N LEU A 218 -13.36 12.37 -4.00
CA LEU A 218 -14.49 13.28 -3.90
C LEU A 218 -14.44 14.45 -4.86
N THR A 219 -13.26 15.06 -5.02
CA THR A 219 -13.08 16.31 -5.80
C THR A 219 -12.56 16.11 -7.26
N GLY A 220 -11.83 15.04 -7.51
CA GLY A 220 -11.16 14.77 -8.79
C GLY A 220 -9.79 15.45 -8.93
N ARG A 221 -9.24 15.98 -7.83
CA ARG A 221 -8.03 16.80 -7.84
C ARG A 221 -7.15 16.32 -6.76
N THR A 222 -5.84 16.31 -6.99
CA THR A 222 -4.88 15.98 -5.93
C THR A 222 -5.03 17.04 -4.83
N LEU A 223 -5.13 16.61 -3.58
CA LEU A 223 -5.36 17.58 -2.53
C LEU A 223 -4.14 18.49 -2.31
N PHE A 224 -2.96 17.88 -2.20
CA PHE A 224 -1.70 18.53 -1.88
C PHE A 224 -0.63 18.19 -2.92
N PRO A 225 -0.74 18.76 -4.13
CA PRO A 225 0.25 18.38 -5.15
C PRO A 225 1.57 19.18 -5.00
N GLY A 226 2.31 18.92 -3.91
CA GLY A 226 3.58 19.63 -3.64
C GLY A 226 4.72 19.26 -4.59
N THR A 227 5.63 20.22 -4.82
CA THR A 227 6.77 20.01 -5.72
C THR A 227 7.94 19.34 -5.06
N ASP A 228 8.02 19.46 -3.73
CA ASP A 228 9.09 18.90 -2.94
C ASP A 228 8.64 18.82 -1.50
N HIS A 229 9.48 18.41 -0.58
CA HIS A 229 9.08 18.29 0.81
C HIS A 229 8.68 19.60 1.48
N ILE A 230 9.37 20.69 1.16
CA ILE A 230 9.01 21.99 1.71
C ILE A 230 7.67 22.52 1.17
N ASP A 231 7.51 22.53 -0.14
CA ASP A 231 6.27 22.95 -0.79
C ASP A 231 5.09 22.06 -0.33
N GLN A 232 5.37 20.78 -0.21
CA GLN A 232 4.37 19.84 0.28
C GLN A 232 3.87 20.27 1.65
N LEU A 233 4.80 20.57 2.57
CA LEU A 233 4.46 21.00 3.92
C LEU A 233 3.65 22.31 3.92
N LYS A 234 4.01 23.21 3.03
CA LYS A 234 3.34 24.51 2.88
C LYS A 234 1.88 24.32 2.42
N LEU A 235 1.67 23.44 1.44
CA LEU A 235 0.31 23.15 1.00
C LEU A 235 -0.50 22.52 2.15
N ILE A 236 0.12 21.62 2.90
CA ILE A 236 -0.56 20.97 4.01
C ILE A 236 -1.00 22.01 5.06
N LEU A 237 -0.09 22.87 5.49
CA LEU A 237 -0.37 23.76 6.61
C LEU A 237 -1.37 24.80 6.15
N ARG A 238 -1.46 25.08 4.83
CA ARG A 238 -2.51 25.97 4.34
C ARG A 238 -3.92 25.45 4.63
N LEU A 239 -4.11 24.14 4.59
CA LEU A 239 -5.42 23.57 4.94
C LEU A 239 -5.62 23.34 6.44
N VAL A 240 -4.64 22.70 7.07
CA VAL A 240 -4.83 22.27 8.46
C VAL A 240 -4.33 23.30 9.46
N GLY A 241 -3.66 24.35 8.98
CA GLY A 241 -3.18 25.39 9.86
C GLY A 241 -1.81 25.02 10.42
N THR A 242 -1.08 26.04 10.83
CA THR A 242 0.22 25.81 11.46
C THR A 242 0.05 25.20 12.86
N PRO A 243 1.03 24.42 13.32
CA PRO A 243 0.89 23.79 14.63
C PRO A 243 0.69 24.77 15.73
N GLY A 244 -0.21 24.46 16.68
CA GLY A 244 -0.40 25.31 17.82
C GLY A 244 0.65 24.94 18.86
N ALA A 245 0.68 25.67 19.98
CA ALA A 245 1.59 25.38 21.12
C ALA A 245 1.67 23.88 21.54
N GLU A 246 0.54 23.17 21.56
CA GLU A 246 0.48 21.77 22.05
C GLU A 246 1.21 20.75 21.14
N LEU A 247 1.14 20.96 19.84
CA LEU A 247 1.87 20.12 18.95
C LEU A 247 3.32 20.58 18.87
N LEU A 248 3.57 21.88 18.89
CA LEU A 248 4.96 22.41 18.85
C LEU A 248 5.83 21.85 19.94
N LYS A 249 5.24 21.58 21.09
CA LYS A 249 6.05 21.07 22.20
C LYS A 249 6.28 19.59 22.17
N LYS A 250 5.74 18.90 21.17
CA LYS A 250 6.09 17.50 20.89
C LYS A 250 7.09 17.35 19.75
N ILE A 251 7.58 18.44 19.19
CA ILE A 251 8.59 18.36 18.13
C ILE A 251 9.96 18.50 18.75
N SER A 252 10.70 17.40 18.68
CA SER A 252 12.07 17.31 19.17
C SER A 252 13.09 17.96 18.25
N SER A 253 12.96 17.75 16.93
CA SER A 253 13.90 18.33 15.97
C SER A 253 13.94 19.85 16.07
N GLU A 254 15.07 20.40 16.50
CA GLU A 254 15.17 21.83 16.59
C GLU A 254 15.01 22.49 15.21
N SER A 255 15.54 21.86 14.18
CA SER A 255 15.52 22.46 12.84
C SER A 255 14.12 22.48 12.29
N ALA A 256 13.38 21.39 12.49
CA ALA A 256 11.96 21.32 12.10
C ALA A 256 11.11 22.31 12.86
N ARG A 257 11.33 22.41 14.17
CA ARG A 257 10.58 23.30 15.03
C ARG A 257 10.88 24.74 14.60
N ASN A 258 12.16 25.03 14.33
CA ASN A 258 12.53 26.35 13.85
C ASN A 258 11.92 26.69 12.52
N TYR A 259 11.90 25.73 11.61
CA TYR A 259 11.26 25.92 10.34
C TYR A 259 9.76 26.23 10.48
N ILE A 260 9.04 25.36 11.16
CA ILE A 260 7.60 25.57 11.42
C ILE A 260 7.33 26.92 12.08
N GLN A 261 8.07 27.19 13.14
CA GLN A 261 7.84 28.42 13.89
C GLN A 261 8.22 29.65 13.06
N SER A 262 9.06 29.47 12.02
CA SER A 262 9.49 30.54 11.10
CA SER A 262 9.46 30.60 11.19
C SER A 262 8.39 30.98 10.16
N LEU A 263 7.35 30.16 10.00
CA LEU A 263 6.30 30.47 9.03
C LEU A 263 5.37 31.49 9.66
N ALA A 264 4.76 32.29 8.80
CA ALA A 264 3.68 33.18 9.20
C ALA A 264 2.58 32.20 9.58
N GLN A 265 2.01 32.37 10.78
CA GLN A 265 1.02 31.44 11.30
C GLN A 265 -0.23 31.44 10.41
N MET A 266 -0.83 30.27 10.27
CA MET A 266 -1.99 30.08 9.38
C MET A 266 -3.06 29.34 10.15
N PRO A 267 -4.34 29.73 9.94
CA PRO A 267 -5.41 29.10 10.70
C PRO A 267 -5.86 27.84 10.00
N LYS A 268 -6.47 26.94 10.78
CA LYS A 268 -7.10 25.80 10.21
C LYS A 268 -8.27 26.27 9.36
N MET A 269 -8.37 25.76 8.14
CA MET A 269 -9.54 26.00 7.34
C MET A 269 -10.74 25.19 7.89
N ASN A 270 -11.93 25.76 7.73
CA ASN A 270 -13.18 25.00 7.90
C ASN A 270 -13.36 24.05 6.71
N PHE A 271 -13.28 22.74 6.93
CA PHE A 271 -13.29 21.80 5.77
C PHE A 271 -14.59 21.84 4.93
N ALA A 272 -15.70 22.22 5.54
CA ALA A 272 -16.92 22.46 4.75
C ALA A 272 -16.74 23.59 3.68
N ASN A 273 -15.91 24.59 3.96
CA ASN A 273 -15.61 25.64 2.96
C ASN A 273 -14.65 25.19 1.84
N VAL A 274 -14.02 24.05 2.03
CA VAL A 274 -13.10 23.53 1.07
C VAL A 274 -13.72 22.44 0.22
N PHE A 275 -14.41 21.49 0.85
CA PHE A 275 -15.03 20.36 0.17
C PHE A 275 -16.52 20.67 -0.03
N ILE A 276 -16.74 21.82 -0.62
CA ILE A 276 -18.07 22.43 -0.72
C ILE A 276 -18.95 21.48 -1.52
N GLY A 277 -20.12 21.16 -0.98
CA GLY A 277 -21.07 20.29 -1.66
C GLY A 277 -20.95 18.82 -1.34
N ALA A 278 -19.90 18.41 -0.61
CA ALA A 278 -19.70 17.00 -0.31
C ALA A 278 -20.65 16.55 0.80
N ASN A 279 -20.85 15.25 0.94
CA ASN A 279 -21.63 14.72 2.07
C ASN A 279 -21.02 15.22 3.39
N PRO A 280 -21.83 15.77 4.30
CA PRO A 280 -21.18 16.25 5.50
C PRO A 280 -20.53 15.20 6.35
N LEU A 281 -20.98 13.95 6.24
CA LEU A 281 -20.35 12.91 7.01
C LEU A 281 -18.97 12.64 6.43
N ALA A 282 -18.82 12.79 5.09
CA ALA A 282 -17.49 12.61 4.46
C ALA A 282 -16.53 13.76 4.92
N VAL A 283 -17.08 14.97 5.04
CA VAL A 283 -16.32 16.14 5.48
C VAL A 283 -15.84 15.95 6.92
N ASP A 284 -16.72 15.38 7.75
CA ASP A 284 -16.41 15.15 9.14
C ASP A 284 -15.33 14.10 9.27
N LEU A 285 -15.44 13.03 8.50
CA LEU A 285 -14.37 12.02 8.50
C LEU A 285 -13.03 12.61 8.02
N LEU A 286 -13.04 13.41 6.95
CA LEU A 286 -11.80 14.07 6.51
C LEU A 286 -11.14 14.90 7.60
N GLU A 287 -11.96 15.63 8.35
CA GLU A 287 -11.41 16.38 9.48
C GLU A 287 -10.74 15.47 10.47
N LYS A 288 -11.25 14.27 10.67
CA LYS A 288 -10.64 13.35 11.64
C LYS A 288 -9.40 12.65 11.16
N MET A 289 -9.28 12.46 9.85
CA MET A 289 -8.08 11.89 9.23
C MET A 289 -6.97 12.89 8.99
N LEU A 290 -7.29 14.13 8.62
CA LEU A 290 -6.24 15.07 8.20
C LEU A 290 -5.93 16.03 9.36
N VAL A 291 -5.62 15.43 10.48
CA VAL A 291 -5.18 16.17 11.66
C VAL A 291 -3.70 16.11 11.74
N LEU A 292 -3.11 17.25 12.13
CA LEU A 292 -1.69 17.41 12.05
C LEU A 292 -1.03 16.57 13.12
N ASP A 293 -1.60 16.62 14.31
CA ASP A 293 -1.10 15.83 15.44
C ASP A 293 -1.48 14.38 15.32
N SER A 294 -0.48 13.53 15.13
CA SER A 294 -0.69 12.12 14.84
C SER A 294 -1.27 11.36 16.03
N ASP A 295 -1.05 11.84 17.27
CA ASP A 295 -1.69 11.21 18.43
C ASP A 295 -3.21 11.44 18.45
N LYS A 296 -3.72 12.40 17.66
CA LYS A 296 -5.11 12.74 17.67
C LYS A 296 -5.86 12.27 16.40
N ARG A 297 -5.14 11.72 15.47
CA ARG A 297 -5.71 11.27 14.22
C ARG A 297 -6.50 9.98 14.49
N ILE A 298 -7.63 9.85 13.80
CA ILE A 298 -8.45 8.64 13.89
C ILE A 298 -7.65 7.40 13.42
N THR A 299 -7.88 6.28 14.10
CA THR A 299 -7.27 5.01 13.69
C THR A 299 -8.16 4.33 12.63
N ALA A 300 -7.66 3.28 11.99
CA ALA A 300 -8.51 2.57 11.01
C ALA A 300 -9.72 1.93 11.66
N ALA A 301 -9.54 1.28 12.80
CA ALA A 301 -10.62 0.64 13.52
C ALA A 301 -11.70 1.65 13.90
N GLN A 302 -11.26 2.79 14.41
CA GLN A 302 -12.19 3.87 14.79
C GLN A 302 -12.94 4.38 13.56
N ALA A 303 -12.21 4.56 12.46
CA ALA A 303 -12.82 5.10 11.21
C ALA A 303 -13.91 4.23 10.64
N LEU A 304 -13.74 2.92 10.74
CA LEU A 304 -14.75 1.97 10.27
C LEU A 304 -16.12 2.18 11.01
N ALA A 305 -16.08 2.62 12.27
CA ALA A 305 -17.28 2.83 13.07
C ALA A 305 -17.87 4.21 12.84
N HIS A 306 -17.23 5.02 11.99
CA HIS A 306 -17.73 6.35 11.63
C HIS A 306 -19.05 6.26 10.87
N ALA A 307 -19.96 7.20 11.19
CA ALA A 307 -21.27 7.24 10.54
C ALA A 307 -21.29 7.25 9.00
N TYR A 308 -20.21 7.74 8.37
CA TYR A 308 -20.09 7.73 6.91
C TYR A 308 -20.14 6.32 6.36
N PHE A 309 -19.75 5.32 7.15
CA PHE A 309 -19.77 3.94 6.69
C PHE A 309 -20.95 3.08 7.15
N ALA A 310 -22.00 3.71 7.66
CA ALA A 310 -23.21 3.01 8.16
C ALA A 310 -23.72 1.89 7.30
N GLN A 311 -23.64 2.06 5.98
CA GLN A 311 -24.22 1.10 5.03
C GLN A 311 -23.36 -0.14 4.86
N TYR A 312 -22.05 -0.06 5.25
CA TYR A 312 -21.09 -1.14 5.09
C TYR A 312 -20.52 -1.77 6.36
N HIS A 313 -20.48 -1.02 7.43
CA HIS A 313 -19.75 -1.40 8.60
C HIS A 313 -20.41 -2.59 9.23
N ASP A 314 -19.63 -3.62 9.48
CA ASP A 314 -20.08 -4.77 10.25
C ASP A 314 -18.96 -5.18 11.19
N PRO A 315 -19.11 -4.88 12.50
CA PRO A 315 -18.04 -5.17 13.48
C PRO A 315 -17.68 -6.66 13.62
N ASP A 316 -18.52 -7.55 13.15
CA ASP A 316 -18.24 -8.98 13.18
C ASP A 316 -17.54 -9.46 11.94
N ASP A 317 -17.30 -8.57 10.97
CA ASP A 317 -16.66 -8.90 9.73
C ASP A 317 -15.53 -7.88 9.33
N GLU A 318 -14.79 -7.44 10.35
CA GLU A 318 -13.62 -6.55 10.17
C GLU A 318 -12.46 -7.18 10.94
N PRO A 319 -11.93 -8.29 10.43
CA PRO A 319 -11.02 -9.10 11.24
C PRO A 319 -9.61 -8.54 11.39
N VAL A 320 -8.94 -8.94 12.48
CA VAL A 320 -7.52 -8.59 12.68
C VAL A 320 -6.67 -9.69 12.12
N ALA A 321 -5.37 -9.41 12.06
CA ALA A 321 -4.37 -10.34 11.55
C ALA A 321 -3.82 -11.23 12.63
N ASP A 322 -3.31 -12.38 12.24
CA ASP A 322 -2.40 -13.13 13.08
C ASP A 322 -1.11 -12.31 13.37
N PRO A 323 -0.43 -12.57 14.50
CA PRO A 323 0.76 -11.78 14.71
C PRO A 323 1.82 -12.04 13.66
N TYR A 324 2.62 -11.02 13.40
CA TYR A 324 3.67 -11.10 12.36
C TYR A 324 5.02 -10.92 13.04
N ASP A 325 5.92 -11.84 12.79
CA ASP A 325 7.26 -11.75 13.40
C ASP A 325 8.17 -10.81 12.58
N GLN A 326 8.30 -9.59 13.02
CA GLN A 326 9.15 -8.60 12.32
C GLN A 326 10.59 -8.59 12.83
N SER A 327 10.96 -9.57 13.68
CA SER A 327 12.24 -9.50 14.40
C SER A 327 13.44 -9.54 13.42
N PHE A 328 13.24 -10.14 12.23
CA PHE A 328 14.27 -10.08 11.18
C PHE A 328 14.68 -8.66 10.77
N GLU A 329 13.80 -7.67 10.92
CA GLU A 329 14.09 -6.34 10.45
C GLU A 329 15.33 -5.75 11.13
N SER A 330 15.54 -6.14 12.38
CA SER A 330 16.61 -5.61 13.18
C SER A 330 17.95 -6.35 12.87
N ARG A 331 17.92 -7.44 12.08
CA ARG A 331 19.12 -8.22 11.82
C ARG A 331 19.98 -7.77 10.65
N ASP A 332 21.29 -8.00 10.78
CA ASP A 332 22.29 -7.67 9.78
C ASP A 332 22.96 -8.96 9.41
N LEU A 333 22.58 -9.49 8.25
CA LEU A 333 23.02 -10.79 7.80
C LEU A 333 23.71 -10.72 6.44
N LEU A 334 24.43 -11.79 6.10
CA LEU A 334 25.08 -11.91 4.80
C LEU A 334 24.09 -12.30 3.69
N ILE A 335 24.46 -12.01 2.45
CA ILE A 335 23.59 -12.29 1.31
C ILE A 335 23.15 -13.74 1.32
N ASP A 336 24.08 -14.65 1.56
CA ASP A 336 23.75 -16.10 1.42
C ASP A 336 22.79 -16.52 2.55
N GLU A 337 22.85 -15.80 3.67
CA GLU A 337 21.92 -16.04 4.74
C GLU A 337 20.52 -15.60 4.36
N TRP A 338 20.37 -14.36 3.90
CA TRP A 338 19.04 -13.89 3.51
C TRP A 338 18.52 -14.77 2.38
N LYS A 339 19.41 -15.21 1.49
CA LYS A 339 19.00 -16.10 0.39
C LYS A 339 18.45 -17.41 0.96
N SER A 340 19.15 -17.99 1.93
CA SER A 340 18.74 -19.29 2.43
C SER A 340 17.39 -19.17 3.18
N LEU A 341 17.18 -18.05 3.89
CA LEU A 341 15.94 -17.84 4.58
C LEU A 341 14.80 -17.71 3.57
N THR A 342 15.05 -17.02 2.47
CA THR A 342 14.08 -16.84 1.44
C THR A 342 13.75 -18.24 0.83
N TYR A 343 14.77 -19.04 0.60
CA TYR A 343 14.56 -20.41 0.10
C TYR A 343 13.68 -21.20 1.06
N ASP A 344 13.97 -21.15 2.36
CA ASP A 344 13.12 -21.77 3.35
C ASP A 344 11.65 -21.40 3.17
N GLU A 345 11.38 -20.11 3.04
CA GLU A 345 10.01 -19.61 2.89
C GLU A 345 9.34 -20.06 1.56
N VAL A 346 10.13 -20.23 0.49
CA VAL A 346 9.59 -20.79 -0.74
C VAL A 346 9.12 -22.23 -0.47
N ILE A 347 9.99 -23.01 0.16
CA ILE A 347 9.73 -24.45 0.46
C ILE A 347 8.56 -24.64 1.39
N SER A 348 8.42 -23.79 2.42
CA SER A 348 7.39 -23.99 3.42
C SER A 348 6.03 -23.45 2.98
N PHE A 349 5.96 -22.81 1.80
CA PHE A 349 4.71 -22.18 1.33
C PHE A 349 3.60 -23.24 1.22
N VAL A 350 2.42 -22.94 1.75
CA VAL A 350 1.20 -23.78 1.68
C VAL A 350 0.16 -22.99 0.87
N PRO A 351 -0.18 -23.47 -0.32
CA PRO A 351 -1.08 -22.62 -1.11
C PRO A 351 -2.47 -22.49 -0.48
N PRO A 352 -3.21 -21.43 -0.87
CA PRO A 352 -4.52 -21.16 -0.28
C PRO A 352 -5.56 -22.10 -0.83
N PRO A 353 -6.67 -22.28 -0.09
CA PRO A 353 -7.92 -22.88 -0.56
C PRO A 353 -8.40 -22.35 -1.91
N LEU A 354 -8.82 -23.27 -2.78
CA LEU A 354 -9.08 -22.97 -4.19
C LEU A 354 -10.49 -22.42 -4.50
N ASP A 355 -11.51 -22.99 -3.84
CA ASP A 355 -12.92 -22.95 -4.32
C ASP A 355 -13.61 -21.56 -4.37
N GLN A 356 -13.33 -20.83 -5.45
CA GLN A 356 -13.98 -19.54 -5.77
C GLN A 356 -14.95 -19.69 -6.96
C4 O8Z B . -3.31 -4.30 -11.27
C5 O8Z B . -4.05 -3.29 -11.88
C6 O8Z B . -1.66 -7.88 -9.98
N1 O8Z B . -2.64 -7.24 -10.60
C7 O8Z B . -0.64 -6.45 -11.32
C8 O8Z B . -0.39 -7.43 -10.36
N2 O8Z B . 0.99 -8.81 -9.01
C9 O8Z B . 0.96 -7.79 -9.86
C10 O8Z B . 2.21 -9.24 -8.33
C11 O8Z B . 2.47 -8.51 -7.04
C12 O8Z B . 1.72 -7.39 -6.68
N3 O8Z B . 4.26 -6.55 -2.66
C13 O8Z B . 1.99 -6.70 -5.52
C14 O8Z B . 2.99 -7.11 -4.66
C15 O8Z B . 3.75 -8.22 -5.02
N4 O8Z B . 6.28 -4.49 -2.34
O2 O8Z B . 1.96 -7.16 -10.21
N5 O8Z B . 0.23 -5.69 -11.99
N O8Z B . -1.99 -6.34 -11.41
C3 O8Z B . -2.77 -5.31 -12.04
C2 O8Z B . -2.97 -5.33 -13.41
C1 O8Z B . -3.70 -4.32 -14.01
C O8Z B . -4.24 -3.30 -13.25
C16 O8Z B . 3.49 -8.91 -6.19
C17 O8Z B . 3.12 -6.38 -3.36
O1 O8Z B . 2.22 -5.64 -2.97
C18 O8Z B . 4.52 -5.84 -1.41
C19 O8Z B . 5.94 -5.34 -1.39
O O8Z B . 6.73 -5.80 -0.57
C20 O8Z B . 7.60 -3.87 -2.44
C21 O8Z B . 7.66 -2.60 -1.61
C22 O8Z B . 8.90 -1.70 -1.79
C24 O8Z B . 10.01 -2.25 -2.70
C23 O8Z B . 8.51 -0.28 -2.18
C25 O8Z B . 4.36 -6.78 -0.23
C26 O8Z B . 3.06 -6.85 0.50
C27 O8Z B . 2.41 -5.50 0.91
C32 O8Z B . 0.91 -5.61 0.66
C31 O8Z B . 0.15 -4.36 1.11
C30 O8Z B . 0.41 -4.07 2.57
C29 O8Z B . 1.88 -3.91 2.82
C28 O8Z B . 2.66 -5.14 2.37
C1 EDO C . 12.35 -26.02 -20.67
O1 EDO C . 12.69 -27.43 -20.64
C2 EDO C . 11.88 -25.71 -22.10
O2 EDO C . 10.47 -25.93 -22.20
C1 EDO D . -9.57 -13.50 1.79
O1 EDO D . -8.59 -13.26 0.73
C2 EDO D . -8.98 -14.31 2.93
O2 EDO D . -9.73 -14.09 4.15
C1 EDO E . 3.58 -24.16 -9.14
O1 EDO E . 4.04 -24.22 -7.79
C2 EDO E . 2.59 -25.30 -9.42
O2 EDO E . 1.82 -25.69 -8.27
C1 EDO F . 8.32 -7.98 15.90
O1 EDO F . 7.36 -8.95 15.58
C2 EDO F . 9.00 -8.35 17.19
O2 EDO F . 10.13 -7.48 17.25
C1 EDO G . 3.30 14.62 15.68
O1 EDO G . 2.27 14.33 14.72
C2 EDO G . 2.80 14.34 17.09
O2 EDO G . 3.92 13.91 17.90
C1 EDO H . -6.42 23.28 0.63
O1 EDO H . -7.18 24.41 1.06
C2 EDO H . -7.12 22.65 -0.55
O2 EDO H . -6.79 23.42 -1.69
C1 EDO I . -7.25 8.69 19.28
O1 EDO I . -7.11 7.27 19.49
C2 EDO I . -7.63 8.96 17.82
O2 EDO I . -9.07 9.13 17.62
C1 EDO J . -23.71 6.75 5.06
O1 EDO J . -24.81 5.88 5.33
C2 EDO J . -24.17 8.19 5.19
O2 EDO J . -23.95 8.95 3.99
#